data_5HTB
#
_entry.id   5HTB
#
_cell.length_a   77.790
_cell.length_b   78.890
_cell.length_c   81.750
_cell.angle_alpha   90.00
_cell.angle_beta   90.00
_cell.angle_gamma   90.00
#
_symmetry.space_group_name_H-M   'P 21 21 21'
#
loop_
_entity.id
_entity.type
_entity.pdbx_description
1 polymer 'Serine/threonine-protein kinase haspin'
2 polymer (2R,3S,4R,5R,6R)-6-((1R,2R,3S,4R,6S)-4,6-DIAMINO-2,3-DIHYDROXYCYCLOHEXYLOXY)-5-AMINO-2-(AMINOMETHYL)-TETRAHYDRO-2H-PYRAN-3,4-DIOL
3 non-polymer (4R)-2-METHYLPENTANE-2,4-DIOL
4 non-polymer 'SODIUM ION'
5 non-polymer 'DIMETHYL SULFOXIDE'
6 non-polymer '(3R)-4-amino-3-{[6-({[(2S,3S,4R,5R)-5-(6-amino-9H-purin-9-yl)-3,4-dihydroxytetrahydrofuran-2-yl]carbonyl}amino)hexanoyl]amino}-4-oxobutanoic acid (non-preferred name)'
7 non-polymer (4S)-2-METHYL-2,4-PENTANEDIOL
8 water water
#
loop_
_entity_poly.entity_id
_entity_poly.type
_entity_poly.pdbx_seq_one_letter_code
_entity_poly.pdbx_strand_id
1 'polypeptide(L)'
;MHHHHHHSSGVDLGTENLYFQSMGECSQKGPVPFSHCLPTEKLQRCEKIGEGVFGEVFQTIADHTPVAIKIIAIEGPDLV
NGSHQKTFEEILPEIIISKELSLLSGEVCNRTEGFIGLNSVHCVQGSYPPLLLKAWDHYNSTKGSANDRPDFFKDDQLFI
VLEFEFGGIDLEQMRTKLSSLATAKSILHQLTASLAVAEASLRFEHRDLHWGNVLLKKTSLKKLHYTLNGKSSTIPSCGL
QVSIIDYTLSRLERDGIVVFCDVSMDEDLFTGDGDYQFDIYRLMKKENNNRWGEYHPYSNVLWLHYLTDKMLKQMTFKTK
CNTPAMKQIKRKIQEFHRTMLNFSSATDLLCQHSLFK
;
A
2 'polypeptide(L)' ARKKQTA(NH2) C
#
loop_
_chem_comp.id
_chem_comp.type
_chem_comp.name
_chem_comp.formula
6L5 non-polymer '(3R)-4-amino-3-{[6-({[(2S,3S,4R,5R)-5-(6-amino-9H-purin-9-yl)-3,4-dihydroxytetrahydrofuran-2-yl]carbonyl}amino)hexanoyl]amino}-4-oxobutanoic acid (non-preferred name)' 'C20 H28 N8 O8'
DMS non-polymer 'DIMETHYL SULFOXIDE' 'C2 H6 O S'
MPD non-polymer (4S)-2-METHYL-2,4-PENTANEDIOL 'C6 H14 O2'
MRD non-polymer (4R)-2-METHYLPENTANE-2,4-DIOL 'C6 H14 O2'
NA non-polymer 'SODIUM ION' 'Na 1'
NH2 non-polymer 'AMINO GROUP' 'H2 N'
#
# COMPACT_ATOMS: atom_id res chain seq x y z
N GLY A 30 22.82 -1.96 -18.26
CA GLY A 30 23.72 -2.04 -17.06
C GLY A 30 23.19 -1.15 -15.94
N PRO A 31 23.56 -1.43 -14.69
CA PRO A 31 23.03 -0.56 -13.62
C PRO A 31 23.60 0.87 -13.66
N VAL A 32 22.90 1.80 -13.03
CA VAL A 32 23.28 3.23 -12.99
C VAL A 32 23.80 3.60 -11.59
N PRO A 33 24.51 4.75 -11.46
CA PRO A 33 24.92 5.17 -10.13
C PRO A 33 23.80 5.78 -9.41
N PHE A 34 23.90 5.84 -8.09
CA PHE A 34 22.83 6.47 -7.34
C PHE A 34 22.50 7.88 -7.89
N SER A 35 23.54 8.62 -8.34
CA SER A 35 23.42 9.96 -8.92
CA SER A 35 23.39 9.97 -8.87
C SER A 35 22.36 10.10 -10.03
N HIS A 36 22.09 9.01 -10.73
CA HIS A 36 21.12 8.98 -11.80
C HIS A 36 19.68 9.17 -11.29
N CYS A 37 19.35 8.54 -10.19
CA CYS A 37 18.03 8.63 -9.56
C CYS A 37 17.93 9.79 -8.65
N LEU A 38 19.06 10.05 -7.99
CA LEU A 38 19.13 11.06 -6.97
C LEU A 38 20.25 11.99 -7.33
N PRO A 39 20.01 12.92 -8.28
CA PRO A 39 20.97 14.00 -8.44
C PRO A 39 21.08 14.80 -7.12
N THR A 40 22.10 15.64 -7.01
CA THR A 40 22.48 16.24 -5.72
C THR A 40 21.33 16.91 -4.98
N GLU A 41 20.57 17.73 -5.72
CA GLU A 41 19.52 18.51 -5.07
CA GLU A 41 19.46 18.52 -5.23
C GLU A 41 18.45 17.58 -4.55
N LYS A 42 18.12 16.53 -5.29
CA LYS A 42 17.13 15.54 -4.88
C LYS A 42 17.64 14.70 -3.70
N LEU A 43 18.90 14.31 -3.79
CA LEU A 43 19.57 13.60 -2.71
C LEU A 43 19.61 14.44 -1.41
N GLN A 44 19.97 15.72 -1.54
CA GLN A 44 20.05 16.68 -0.41
C GLN A 44 18.73 16.90 0.27
N ARG A 45 17.65 16.67 -0.45
CA ARG A 45 16.33 16.86 0.12
C ARG A 45 15.69 15.59 0.68
N CYS A 46 16.43 14.47 0.76
CA CYS A 46 15.82 13.22 1.23
C CYS A 46 15.57 13.22 2.74
N GLU A 47 14.34 12.80 3.12
CA GLU A 47 13.90 12.51 4.51
C GLU A 47 13.31 11.12 4.60
N LYS A 48 13.67 10.36 5.63
CA LYS A 48 13.24 8.95 5.66
C LYS A 48 11.82 8.91 6.21
N ILE A 49 10.96 8.15 5.57
CA ILE A 49 9.56 8.01 5.95
C ILE A 49 9.08 6.62 6.29
N GLY A 50 9.87 5.60 6.04
CA GLY A 50 9.38 4.26 6.27
C GLY A 50 10.50 3.24 6.16
N GLU A 51 10.24 2.03 6.66
CA GLU A 51 11.21 0.94 6.56
C GLU A 51 10.53 -0.39 6.71
N GLY A 52 11.22 -1.44 6.25
CA GLY A 52 10.81 -2.82 6.48
C GLY A 52 12.06 -3.67 6.46
N VAL A 53 11.88 -4.97 6.68
N VAL A 53 11.92 -4.96 6.71
CA VAL A 53 12.99 -5.96 6.66
CA VAL A 53 13.13 -5.80 6.79
C VAL A 53 13.93 -5.79 5.48
C VAL A 53 13.97 -5.77 5.48
N PHE A 54 13.36 -5.50 4.32
CA PHE A 54 14.17 -5.46 3.11
C PHE A 54 14.20 -4.15 2.37
N GLY A 55 13.86 -3.07 3.03
CA GLY A 55 13.86 -1.79 2.33
C GLY A 55 13.74 -0.56 3.19
N GLU A 56 14.04 0.56 2.55
CA GLU A 56 14.01 1.88 3.18
C GLU A 56 13.19 2.76 2.23
N VAL A 57 12.35 3.62 2.78
CA VAL A 57 11.58 4.56 1.96
C VAL A 57 11.88 6.00 2.38
N PHE A 58 12.15 6.87 1.38
CA PHE A 58 12.49 8.27 1.61
C PHE A 58 11.52 9.14 0.83
N GLN A 59 11.27 10.33 1.34
CA GLN A 59 10.58 11.39 0.62
CA GLN A 59 10.60 11.35 0.57
C GLN A 59 11.64 12.36 0.12
N THR A 60 11.49 12.85 -1.11
CA THR A 60 12.31 13.92 -1.60
C THR A 60 11.48 14.79 -2.55
N ILE A 61 12.12 15.70 -3.21
CA ILE A 61 11.41 16.70 -4.04
C ILE A 61 12.09 16.73 -5.36
N ALA A 62 11.33 16.75 -6.45
CA ALA A 62 11.91 17.02 -7.79
C ALA A 62 10.89 17.88 -8.51
N ASP A 63 11.35 18.91 -9.22
CA ASP A 63 10.42 19.85 -9.91
C ASP A 63 9.26 20.26 -8.97
N HIS A 64 9.65 20.73 -7.77
CA HIS A 64 8.70 21.29 -6.81
C HIS A 64 7.67 20.31 -6.27
N THR A 65 7.82 19.00 -6.53
CA THR A 65 6.85 18.02 -6.24
C THR A 65 7.45 16.89 -5.38
N PRO A 66 6.77 16.52 -4.29
CA PRO A 66 7.32 15.43 -3.50
C PRO A 66 7.17 14.10 -4.20
N VAL A 67 8.13 13.21 -3.96
CA VAL A 67 8.04 11.86 -4.39
C VAL A 67 8.53 10.95 -3.29
N ALA A 68 8.20 9.66 -3.40
CA ALA A 68 8.67 8.64 -2.44
C ALA A 68 9.57 7.67 -3.17
N ILE A 69 10.71 7.34 -2.56
CA ILE A 69 11.74 6.50 -3.16
CA ILE A 69 11.60 6.41 -3.19
C ILE A 69 11.86 5.28 -2.25
N LYS A 70 11.70 4.08 -2.79
CA LYS A 70 11.85 2.85 -2.06
C LYS A 70 13.11 2.16 -2.56
N ILE A 71 13.99 1.78 -1.64
CA ILE A 71 15.33 1.32 -2.02
C ILE A 71 15.54 -0.07 -1.41
N ILE A 72 15.78 -1.05 -2.28
CA ILE A 72 15.93 -2.46 -1.86
C ILE A 72 17.27 -2.99 -2.35
N ALA A 73 18.09 -3.54 -1.45
CA ALA A 73 19.36 -4.17 -1.83
C ALA A 73 19.06 -5.55 -2.41
N ILE A 74 19.69 -5.87 -3.51
CA ILE A 74 19.47 -7.16 -4.13
C ILE A 74 20.77 -7.88 -4.50
N GLU A 75 20.71 -9.21 -4.52
CA GLU A 75 21.64 -10.10 -5.19
C GLU A 75 22.89 -10.41 -4.40
N GLY A 76 23.14 -9.68 -3.30
CA GLY A 76 24.33 -9.89 -2.47
C GLY A 76 24.19 -11.11 -1.57
N PRO A 77 25.33 -11.69 -1.15
CA PRO A 77 25.31 -12.95 -0.34
C PRO A 77 25.13 -12.72 1.16
N ASP A 78 25.29 -11.48 1.62
CA ASP A 78 25.33 -11.18 3.00
C ASP A 78 24.03 -10.64 3.61
N LEU A 79 23.97 -10.61 4.94
CA LEU A 79 22.70 -10.27 5.65
C LEU A 79 22.45 -8.76 5.71
N VAL A 80 21.17 -8.39 5.56
CA VAL A 80 20.73 -7.02 5.73
C VAL A 80 19.56 -7.08 6.70
N ASN A 81 19.68 -6.37 7.83
CA ASN A 81 18.61 -6.40 8.86
C ASN A 81 18.29 -7.82 9.30
N GLY A 82 19.33 -8.63 9.37
CA GLY A 82 19.25 -10.02 9.83
C GLY A 82 18.70 -11.04 8.84
N SER A 83 18.42 -10.63 7.61
CA SER A 83 17.87 -11.54 6.57
C SER A 83 18.71 -11.49 5.30
N HIS A 84 18.68 -12.56 4.50
CA HIS A 84 19.32 -12.53 3.19
C HIS A 84 18.66 -11.54 2.24
N GLN A 85 19.50 -10.96 1.37
CA GLN A 85 19.00 -10.05 0.38
C GLN A 85 18.10 -10.79 -0.62
N LYS A 86 17.06 -10.11 -1.06
CA LYS A 86 16.23 -10.64 -2.16
C LYS A 86 16.99 -10.62 -3.50
N THR A 87 16.58 -11.48 -4.43
CA THR A 87 17.14 -11.47 -5.77
C THR A 87 16.25 -10.55 -6.64
N PHE A 88 16.75 -10.24 -7.82
CA PHE A 88 15.96 -9.43 -8.75
C PHE A 88 14.65 -10.15 -9.11
N GLU A 89 14.75 -11.47 -9.26
CA GLU A 89 13.57 -12.33 -9.56
CA GLU A 89 13.58 -12.30 -9.58
C GLU A 89 12.50 -12.21 -8.49
N GLU A 90 12.91 -12.08 -7.23
CA GLU A 90 11.99 -11.96 -6.13
C GLU A 90 11.30 -10.59 -6.04
N ILE A 91 11.96 -9.56 -6.55
CA ILE A 91 11.42 -8.21 -6.53
C ILE A 91 10.61 -7.91 -7.80
N LEU A 92 10.89 -8.62 -8.88
CA LEU A 92 10.21 -8.38 -10.14
C LEU A 92 8.65 -8.37 -10.02
N PRO A 93 8.06 -9.29 -9.28
CA PRO A 93 6.61 -9.23 -9.19
C PRO A 93 6.08 -7.90 -8.67
N GLU A 94 6.68 -7.36 -7.61
CA GLU A 94 6.26 -6.03 -7.13
C GLU A 94 6.40 -4.93 -8.18
N ILE A 95 7.49 -4.99 -8.95
CA ILE A 95 7.72 -4.00 -10.03
C ILE A 95 6.62 -4.11 -11.06
N ILE A 96 6.32 -5.34 -11.48
CA ILE A 96 5.30 -5.55 -12.48
C ILE A 96 3.92 -5.09 -12.01
N ILE A 97 3.58 -5.48 -10.79
CA ILE A 97 2.25 -5.17 -10.24
C ILE A 97 2.10 -3.65 -10.01
N SER A 98 3.17 -3.03 -9.53
CA SER A 98 3.20 -1.58 -9.35
C SER A 98 2.87 -0.86 -10.64
N LYS A 99 3.45 -1.34 -11.73
CA LYS A 99 3.26 -0.71 -13.01
C LYS A 99 1.83 -0.95 -13.49
N GLU A 100 1.34 -2.19 -13.38
CA GLU A 100 0.02 -2.47 -13.92
C GLU A 100 -1.06 -1.65 -13.19
N LEU A 101 -0.92 -1.53 -11.87
CA LEU A 101 -1.94 -0.80 -11.06
C LEU A 101 -1.87 0.72 -11.29
N SER A 102 -0.66 1.21 -11.46
CA SER A 102 -0.46 2.62 -11.82
C SER A 102 -1.11 2.93 -13.15
N LEU A 103 -1.01 2.01 -14.13
CA LEU A 103 -1.58 2.25 -15.43
C LEU A 103 -3.11 2.33 -15.48
N LEU A 104 -3.77 1.83 -14.42
CA LEU A 104 -5.21 1.91 -14.32
C LEU A 104 -5.72 3.36 -14.34
N SER A 105 -4.87 4.34 -13.97
CA SER A 105 -5.31 5.76 -14.09
C SER A 105 -5.58 6.23 -15.50
N GLY A 106 -4.97 5.57 -16.52
CA GLY A 106 -5.12 5.95 -17.87
C GLY A 106 -5.94 5.01 -18.71
N GLU A 107 -6.57 4.00 -18.08
CA GLU A 107 -7.46 3.07 -18.83
C GLU A 107 -8.88 3.62 -19.06
N VAL A 108 -9.70 2.87 -19.79
CA VAL A 108 -10.99 3.34 -20.19
C VAL A 108 -12.11 2.56 -19.54
N CYS A 109 -12.19 1.25 -19.79
CA CYS A 109 -13.30 0.46 -19.24
C CYS A 109 -13.18 0.27 -17.74
N ASN A 110 -11.95 0.06 -17.26
CA ASN A 110 -11.66 -0.12 -15.86
C ASN A 110 -10.57 0.86 -15.45
N ARG A 111 -11.01 1.97 -14.83
CA ARG A 111 -10.15 3.13 -14.58
C ARG A 111 -10.26 3.53 -13.15
N THR A 112 -9.09 3.68 -12.51
CA THR A 112 -9.05 4.21 -11.11
C THR A 112 -7.68 4.87 -10.90
N GLU A 113 -7.68 5.92 -10.08
CA GLU A 113 -6.41 6.54 -9.62
C GLU A 113 -6.12 6.13 -8.17
N GLY A 114 -6.79 5.11 -7.64
CA GLY A 114 -6.69 4.74 -6.25
C GLY A 114 -5.42 3.98 -5.86
N PHE A 115 -4.60 3.55 -6.85
CA PHE A 115 -3.33 2.90 -6.58
C PHE A 115 -2.21 3.95 -6.76
N ILE A 116 -1.13 3.77 -6.11
CA ILE A 116 -0.07 4.78 -6.15
C ILE A 116 0.59 4.90 -7.53
N GLY A 117 0.85 6.12 -7.98
CA GLY A 117 1.50 6.30 -9.22
C GLY A 117 2.93 5.79 -9.17
N LEU A 118 3.39 5.12 -10.22
CA LEU A 118 4.77 4.71 -10.32
C LEU A 118 5.47 5.56 -11.35
N ASN A 119 6.48 6.29 -10.91
CA ASN A 119 7.22 7.19 -11.80
C ASN A 119 8.36 6.50 -12.53
N SER A 120 9.17 5.72 -11.85
CA SER A 120 10.33 5.06 -12.47
C SER A 120 10.84 3.91 -11.60
N VAL A 121 11.60 3.03 -12.22
CA VAL A 121 12.27 1.95 -11.54
C VAL A 121 13.66 1.88 -12.14
N HIS A 122 14.69 1.83 -11.28
CA HIS A 122 16.06 1.74 -11.73
C HIS A 122 16.78 0.66 -10.94
N CYS A 123 17.74 0.04 -11.59
CA CYS A 123 18.73 -0.78 -10.93
C CYS A 123 20.00 0.06 -10.80
N VAL A 124 20.41 0.23 -9.56
CA VAL A 124 21.48 1.13 -9.18
C VAL A 124 22.62 0.30 -8.59
N GLN A 125 23.85 0.72 -8.81
CA GLN A 125 25.03 0.05 -8.22
CA GLN A 125 25.02 0.05 -8.22
C GLN A 125 25.86 1.07 -7.44
N GLY A 126 26.28 0.69 -6.23
CA GLY A 126 27.14 1.52 -5.42
C GLY A 126 26.89 1.43 -3.95
N SER A 127 27.76 2.04 -3.17
CA SER A 127 27.53 2.11 -1.71
C SER A 127 26.42 3.08 -1.46
N TYR A 128 25.85 3.01 -0.28
CA TYR A 128 24.77 3.87 0.09
C TYR A 128 25.25 5.34 0.16
N PRO A 129 24.48 6.25 -0.44
CA PRO A 129 24.93 7.63 -0.39
C PRO A 129 25.01 8.20 1.04
N PRO A 130 26.09 8.88 1.36
CA PRO A 130 26.22 9.59 2.64
C PRO A 130 25.02 10.48 2.96
N LEU A 131 24.47 11.12 1.97
CA LEU A 131 23.22 11.91 2.22
C LEU A 131 21.97 11.10 2.65
N LEU A 132 21.83 9.89 2.14
CA LEU A 132 20.76 9.00 2.63
C LEU A 132 21.03 8.49 4.04
N LEU A 133 22.28 8.21 4.33
CA LEU A 133 22.69 7.83 5.70
C LEU A 133 22.31 8.91 6.70
N LYS A 134 22.52 10.17 6.33
CA LYS A 134 22.12 11.27 7.17
C LYS A 134 20.62 11.28 7.47
N ALA A 135 19.80 11.09 6.44
CA ALA A 135 18.39 10.96 6.61
C ALA A 135 18.05 9.76 7.52
N TRP A 136 18.75 8.66 7.29
CA TRP A 136 18.52 7.42 8.02
C TRP A 136 18.77 7.69 9.50
N ASP A 137 19.88 8.36 9.80
CA ASP A 137 20.26 8.70 11.19
C ASP A 137 19.21 9.59 11.88
N HIS A 138 18.65 10.55 11.13
CA HIS A 138 17.66 11.43 11.73
C HIS A 138 16.39 10.68 12.14
N TYR A 139 15.94 9.75 11.31
CA TYR A 139 14.80 8.93 11.60
C TYR A 139 15.10 8.02 12.83
N ASN A 140 16.31 7.49 12.91
CA ASN A 140 16.65 6.57 14.00
C ASN A 140 16.66 7.32 15.34
N SER A 141 17.10 8.57 15.31
CA SER A 141 17.08 9.44 16.49
C SER A 141 15.69 9.83 17.00
N THR A 142 14.76 10.01 16.08
CA THR A 142 13.45 10.56 16.39
C THR A 142 12.40 9.49 16.53
N LYS A 143 12.39 8.52 15.63
CA LYS A 143 11.38 7.47 15.63
C LYS A 143 11.94 6.10 16.10
N GLY A 144 13.22 5.85 15.89
CA GLY A 144 13.81 4.55 16.17
C GLY A 144 13.67 3.66 14.97
N SER A 145 14.76 2.97 14.64
CA SER A 145 14.75 2.00 13.53
C SER A 145 14.94 0.61 14.09
N ALA A 146 14.29 -0.35 13.45
CA ALA A 146 14.56 -1.76 13.67
C ALA A 146 15.68 -2.31 12.74
N ASN A 147 16.20 -1.48 11.84
CA ASN A 147 17.13 -1.94 10.81
C ASN A 147 18.60 -1.58 11.15
N ASP A 148 19.51 -2.23 10.48
CA ASP A 148 20.92 -1.85 10.56
C ASP A 148 21.12 -0.52 9.82
N ARG A 149 22.01 0.30 10.36
CA ARG A 149 22.46 1.47 9.61
C ARG A 149 23.12 1.02 8.28
N PRO A 150 22.61 1.51 7.14
CA PRO A 150 23.01 0.96 5.84
C PRO A 150 24.32 1.52 5.35
N ASP A 151 25.36 1.41 6.15
CA ASP A 151 26.64 2.02 5.84
C ASP A 151 27.70 0.99 5.45
N PHE A 152 27.31 -0.27 5.30
CA PHE A 152 28.25 -1.38 5.13
C PHE A 152 28.26 -1.93 3.69
N PHE A 153 27.46 -1.35 2.79
CA PHE A 153 27.39 -1.82 1.41
C PHE A 153 28.63 -1.38 0.64
N LYS A 154 29.14 -2.26 -0.21
CA LYS A 154 30.35 -1.99 -1.01
C LYS A 154 29.97 -1.35 -2.36
N ASP A 155 31.00 -0.92 -3.10
CA ASP A 155 30.77 -0.25 -4.38
C ASP A 155 30.20 -1.18 -5.50
N ASP A 156 30.15 -2.50 -5.27
CA ASP A 156 29.49 -3.42 -6.21
C ASP A 156 28.04 -3.72 -5.86
N GLN A 157 27.52 -3.21 -4.76
CA GLN A 157 26.20 -3.59 -4.35
C GLN A 157 25.12 -3.09 -5.33
N LEU A 158 24.19 -3.96 -5.70
CA LEU A 158 23.00 -3.59 -6.48
C LEU A 158 21.82 -3.26 -5.62
N PHE A 159 21.02 -2.31 -6.11
CA PHE A 159 19.77 -1.97 -5.48
C PHE A 159 18.72 -1.82 -6.57
N ILE A 160 17.48 -2.08 -6.21
CA ILE A 160 16.31 -1.58 -6.99
C ILE A 160 15.80 -0.34 -6.31
N VAL A 161 15.61 0.71 -7.09
CA VAL A 161 15.12 1.96 -6.58
C VAL A 161 13.79 2.24 -7.32
N LEU A 162 12.70 2.25 -6.60
CA LEU A 162 11.35 2.51 -7.17
C LEU A 162 11.00 3.93 -6.76
N GLU A 163 10.61 4.78 -7.71
CA GLU A 163 10.14 6.12 -7.39
C GLU A 163 8.68 6.18 -7.63
N PHE A 164 7.94 6.61 -6.61
CA PHE A 164 6.48 6.71 -6.65
C PHE A 164 6.01 8.12 -6.41
N GLU A 165 4.79 8.39 -6.89
CA GLU A 165 4.02 9.51 -6.41
C GLU A 165 4.06 9.52 -4.87
N PHE A 166 4.14 10.70 -4.28
CA PHE A 166 3.98 10.82 -2.80
C PHE A 166 2.50 10.77 -2.53
N GLY A 167 2.11 9.75 -1.79
CA GLY A 167 0.72 9.41 -1.56
C GLY A 167 0.10 9.97 -0.32
N GLY A 168 0.86 10.72 0.48
CA GLY A 168 0.40 11.30 1.76
C GLY A 168 0.88 10.45 2.91
N ILE A 169 0.06 10.37 3.94
CA ILE A 169 0.44 9.77 5.24
C ILE A 169 -0.39 8.50 5.42
N ASP A 170 0.22 7.44 5.93
CA ASP A 170 -0.52 6.21 6.13
C ASP A 170 -1.63 6.32 7.18
N LEU A 171 -2.64 5.47 7.01
CA LEU A 171 -3.82 5.49 7.83
C LEU A 171 -3.48 5.23 9.30
N GLU A 172 -2.53 4.34 9.52
CA GLU A 172 -2.04 4.03 10.87
C GLU A 172 -1.51 5.31 11.56
N GLN A 173 -0.70 6.09 10.83
CA GLN A 173 -0.19 7.35 11.38
C GLN A 173 -1.21 8.45 11.47
N MET A 174 -2.35 8.27 10.81
CA MET A 174 -3.46 9.20 10.88
C MET A 174 -4.53 8.74 11.90
N ARG A 175 -4.17 7.81 12.79
CA ARG A 175 -5.12 7.28 13.81
C ARG A 175 -5.88 8.31 14.58
N THR A 176 -5.22 9.42 14.92
CA THR A 176 -5.77 10.47 15.74
C THR A 176 -6.03 11.76 14.97
N LYS A 177 -5.99 11.69 13.64
CA LYS A 177 -5.93 12.93 12.85
C LYS A 177 -7.12 13.20 11.95
N LEU A 178 -8.04 12.26 11.78
CA LEU A 178 -9.19 12.44 10.90
C LEU A 178 -10.32 13.16 11.57
N SER A 179 -11.10 13.89 10.75
CA SER A 179 -12.14 14.75 11.25
CA SER A 179 -12.12 14.76 11.29
C SER A 179 -13.30 14.02 11.95
N SER A 180 -13.84 13.03 11.27
CA SER A 180 -15.01 12.29 11.74
C SER A 180 -15.20 11.00 10.97
N LEU A 181 -16.15 10.18 11.46
CA LEU A 181 -16.54 8.94 10.76
C LEU A 181 -17.09 9.14 9.33
N ALA A 182 -17.54 10.33 8.96
CA ALA A 182 -17.90 10.58 7.55
C ALA A 182 -16.67 10.41 6.64
N THR A 183 -15.51 10.80 7.15
CA THR A 183 -14.23 10.60 6.44
C THR A 183 -13.95 9.11 6.26
N ALA A 184 -14.19 8.34 7.32
CA ALA A 184 -13.97 6.91 7.24
C ALA A 184 -14.80 6.27 6.13
N LYS A 185 -16.04 6.72 5.97
CA LYS A 185 -16.87 6.21 4.90
CA LYS A 185 -16.89 6.24 4.91
C LYS A 185 -16.28 6.49 3.49
N SER A 186 -15.85 7.72 3.25
CA SER A 186 -15.19 8.01 1.97
C SER A 186 -13.98 7.14 1.75
N ILE A 187 -13.18 6.93 2.79
CA ILE A 187 -11.99 6.10 2.70
C ILE A 187 -12.37 4.67 2.28
N LEU A 188 -13.41 4.13 2.95
CA LEU A 188 -13.81 2.76 2.65
C LEU A 188 -14.39 2.62 1.23
N HIS A 189 -15.13 3.62 0.78
CA HIS A 189 -15.73 3.62 -0.54
C HIS A 189 -14.61 3.69 -1.59
N GLN A 190 -13.66 4.59 -1.36
CA GLN A 190 -12.48 4.69 -2.28
C GLN A 190 -11.72 3.40 -2.37
N LEU A 191 -11.41 2.79 -1.23
CA LEU A 191 -10.72 1.54 -1.24
C LEU A 191 -11.50 0.42 -1.97
N THR A 192 -12.79 0.32 -1.67
CA THR A 192 -13.60 -0.74 -2.30
C THR A 192 -13.62 -0.52 -3.82
N ALA A 193 -13.83 0.73 -4.25
CA ALA A 193 -13.86 0.99 -5.67
C ALA A 193 -12.52 0.63 -6.38
N SER A 194 -11.41 1.02 -5.79
CA SER A 194 -10.10 0.74 -6.41
C SER A 194 -9.89 -0.73 -6.55
N LEU A 195 -10.16 -1.45 -5.47
CA LEU A 195 -10.05 -2.90 -5.52
C LEU A 195 -11.00 -3.57 -6.52
N ALA A 196 -12.23 -3.05 -6.64
CA ALA A 196 -13.19 -3.57 -7.61
C ALA A 196 -12.66 -3.38 -9.04
N VAL A 197 -12.15 -2.20 -9.32
CA VAL A 197 -11.64 -1.92 -10.66
C VAL A 197 -10.46 -2.82 -10.98
N ALA A 198 -9.57 -3.03 -10.02
CA ALA A 198 -8.45 -3.91 -10.22
C ALA A 198 -8.88 -5.37 -10.35
N GLU A 199 -9.88 -5.80 -9.57
CA GLU A 199 -10.44 -7.14 -9.77
C GLU A 199 -10.92 -7.35 -11.23
N ALA A 200 -11.66 -6.38 -11.72
CA ALA A 200 -12.26 -6.45 -13.01
C ALA A 200 -11.24 -6.44 -14.11
N SER A 201 -10.21 -5.64 -13.98
CA SER A 201 -9.22 -5.44 -15.04
CA SER A 201 -9.27 -5.49 -15.09
C SER A 201 -8.16 -6.52 -15.03
N LEU A 202 -7.78 -6.93 -13.81
CA LEU A 202 -6.54 -7.71 -13.58
C LEU A 202 -6.66 -8.94 -12.71
N ARG A 203 -7.90 -9.26 -12.27
CA ARG A 203 -8.06 -10.33 -11.30
C ARG A 203 -7.05 -10.17 -10.12
N PHE A 204 -7.04 -8.94 -9.60
CA PHE A 204 -6.13 -8.52 -8.56
C PHE A 204 -6.58 -8.85 -7.18
N GLU A 205 -5.64 -9.32 -6.37
CA GLU A 205 -5.79 -9.39 -4.92
C GLU A 205 -4.60 -8.66 -4.30
N HIS A 206 -4.86 -7.77 -3.39
CA HIS A 206 -3.76 -7.02 -2.73
C HIS A 206 -2.97 -7.93 -1.74
N ARG A 207 -3.73 -8.66 -0.92
CA ARG A 207 -3.23 -9.69 0.02
C ARG A 207 -2.44 -9.18 1.29
N ASP A 208 -2.27 -7.87 1.42
CA ASP A 208 -1.58 -7.28 2.55
C ASP A 208 -2.00 -5.85 2.88
N LEU A 209 -3.30 -5.57 2.85
CA LEU A 209 -3.76 -4.22 2.89
C LEU A 209 -4.04 -3.77 4.35
N HIS A 210 -2.99 -3.86 5.17
CA HIS A 210 -3.05 -3.35 6.52
C HIS A 210 -2.97 -1.85 6.49
N TRP A 211 -3.22 -1.22 7.62
CA TRP A 211 -3.39 0.22 7.62
C TRP A 211 -2.12 1.02 7.39
N GLY A 212 -0.96 0.37 7.40
CA GLY A 212 0.24 1.08 6.96
C GLY A 212 0.38 1.16 5.44
N ASN A 213 -0.45 0.39 4.71
CA ASN A 213 -0.40 0.33 3.24
C ASN A 213 -1.57 1.10 2.57
N VAL A 214 -2.25 1.94 3.36
CA VAL A 214 -3.28 2.82 2.87
C VAL A 214 -2.80 4.22 3.15
N LEU A 215 -2.64 5.04 2.12
CA LEU A 215 -2.21 6.42 2.31
C LEU A 215 -3.31 7.45 2.05
N LEU A 216 -3.28 8.53 2.82
CA LEU A 216 -4.23 9.63 2.70
C LEU A 216 -3.54 10.94 2.39
N LYS A 217 -4.07 11.68 1.41
CA LYS A 217 -3.58 13.01 1.04
C LYS A 217 -4.76 13.96 0.90
N LYS A 218 -4.58 15.23 1.28
CA LYS A 218 -5.60 16.21 1.07
C LYS A 218 -5.85 16.38 -0.44
N THR A 219 -7.11 16.59 -0.79
CA THR A 219 -7.50 16.98 -2.17
C THR A 219 -8.50 18.08 -2.12
N SER A 220 -8.44 18.98 -3.12
CA SER A 220 -9.45 20.02 -3.29
CA SER A 220 -9.45 20.02 -3.27
C SER A 220 -10.64 19.53 -4.09
N LEU A 221 -10.54 18.36 -4.69
CA LEU A 221 -11.67 17.84 -5.47
C LEU A 221 -12.77 17.36 -4.53
N LYS A 222 -14.01 17.72 -4.86
CA LYS A 222 -15.18 17.34 -4.08
C LYS A 222 -15.54 15.88 -4.33
N LYS A 223 -15.27 15.38 -5.52
CA LYS A 223 -15.52 14.00 -5.81
C LYS A 223 -14.47 13.39 -6.69
N LEU A 224 -14.31 12.10 -6.51
CA LEU A 224 -13.33 11.32 -7.20
C LEU A 224 -14.06 10.44 -8.19
N HIS A 225 -13.39 10.13 -9.32
CA HIS A 225 -14.02 9.42 -10.42
C HIS A 225 -13.39 8.07 -10.64
N TYR A 226 -14.22 7.08 -10.96
CA TYR A 226 -13.73 5.74 -11.39
C TYR A 226 -14.66 5.20 -12.45
N THR A 227 -14.16 4.21 -13.18
CA THR A 227 -14.97 3.51 -14.19
C THR A 227 -14.82 2.01 -13.93
N LEU A 228 -15.92 1.33 -13.75
CA LEU A 228 -15.94 -0.11 -13.55
C LEU A 228 -16.73 -0.80 -14.67
N ASN A 229 -16.06 -1.67 -15.40
CA ASN A 229 -16.63 -2.32 -16.60
C ASN A 229 -17.47 -1.37 -17.48
N GLY A 230 -16.87 -0.23 -17.77
CA GLY A 230 -17.46 0.77 -18.61
C GLY A 230 -18.49 1.70 -18.00
N LYS A 231 -18.81 1.53 -16.72
CA LYS A 231 -19.79 2.38 -16.04
C LYS A 231 -19.05 3.34 -15.14
N SER A 232 -19.19 4.63 -15.40
CA SER A 232 -18.46 5.63 -14.61
C SER A 232 -19.28 6.08 -13.38
N SER A 233 -18.61 6.32 -12.28
CA SER A 233 -19.25 6.77 -11.05
CA SER A 233 -19.30 6.88 -11.12
C SER A 233 -18.36 7.74 -10.31
N THR A 234 -18.91 8.35 -9.25
CA THR A 234 -18.12 9.23 -8.43
C THR A 234 -18.26 8.88 -6.96
N ILE A 235 -17.32 9.39 -6.19
CA ILE A 235 -17.27 9.18 -4.74
C ILE A 235 -16.97 10.55 -4.11
N PRO A 236 -17.79 10.97 -3.14
CA PRO A 236 -17.42 12.17 -2.38
C PRO A 236 -16.16 12.00 -1.61
N SER A 237 -15.21 12.94 -1.76
CA SER A 237 -13.89 12.77 -1.23
C SER A 237 -13.79 13.04 0.26
N CYS A 238 -14.64 13.89 0.81
CA CYS A 238 -14.44 14.46 2.16
C CYS A 238 -13.09 15.05 2.33
N GLY A 239 -12.56 15.62 1.23
CA GLY A 239 -11.26 16.28 1.25
C GLY A 239 -10.03 15.42 1.26
N LEU A 240 -10.20 14.12 1.04
CA LEU A 240 -9.09 13.18 1.03
C LEU A 240 -9.09 12.27 -0.21
N GLN A 241 -7.87 12.00 -0.70
CA GLN A 241 -7.66 11.03 -1.76
CA GLN A 241 -7.66 11.02 -1.74
C GLN A 241 -6.87 9.90 -1.14
N VAL A 242 -7.39 8.68 -1.26
CA VAL A 242 -6.77 7.49 -0.78
C VAL A 242 -5.92 6.85 -1.88
N SER A 243 -4.70 6.43 -1.54
CA SER A 243 -3.82 5.61 -2.40
C SER A 243 -3.46 4.32 -1.72
N ILE A 244 -3.57 3.22 -2.45
CA ILE A 244 -3.10 1.95 -2.00
C ILE A 244 -1.62 1.76 -2.41
N ILE A 245 -0.83 1.20 -1.51
CA ILE A 245 0.55 0.85 -1.81
C ILE A 245 0.90 -0.59 -1.45
N ASP A 246 2.12 -1.01 -1.88
CA ASP A 246 2.86 -2.20 -1.35
C ASP A 246 2.34 -3.52 -1.86
N TYR A 247 2.98 -4.01 -2.91
CA TYR A 247 2.44 -5.17 -3.63
C TYR A 247 3.28 -6.40 -3.48
N THR A 248 4.07 -6.50 -2.40
CA THR A 248 4.88 -7.71 -2.17
C THR A 248 4.10 -9.01 -2.09
N LEU A 249 2.90 -8.97 -1.52
CA LEU A 249 2.11 -10.20 -1.44
C LEU A 249 1.02 -10.31 -2.51
N SER A 250 0.94 -9.35 -3.43
CA SER A 250 -0.19 -9.22 -4.35
C SER A 250 -0.14 -10.23 -5.51
N ARG A 251 -1.28 -10.35 -6.18
CA ARG A 251 -1.50 -11.31 -7.24
C ARG A 251 -2.37 -10.66 -8.28
N LEU A 252 -2.01 -10.85 -9.56
CA LEU A 252 -2.88 -10.46 -10.65
C LEU A 252 -2.55 -11.30 -11.85
N GLU A 253 -3.26 -11.07 -12.94
CA GLU A 253 -3.00 -11.79 -14.20
C GLU A 253 -3.36 -10.98 -15.43
N ARG A 254 -2.66 -11.23 -16.54
CA ARG A 254 -3.05 -10.65 -17.83
C ARG A 254 -2.89 -11.74 -18.86
N ASP A 255 -3.93 -11.94 -19.65
CA ASP A 255 -3.95 -13.01 -20.68
C ASP A 255 -3.49 -14.39 -20.13
N GLY A 256 -3.95 -14.71 -18.92
CA GLY A 256 -3.65 -15.99 -18.30
C GLY A 256 -2.31 -16.17 -17.67
N ILE A 257 -1.44 -15.14 -17.66
CA ILE A 257 -0.14 -15.25 -17.03
C ILE A 257 -0.32 -14.61 -15.66
N VAL A 258 -0.09 -15.41 -14.61
CA VAL A 258 -0.31 -14.96 -13.25
C VAL A 258 0.99 -14.56 -12.57
N VAL A 259 0.97 -13.40 -11.91
CA VAL A 259 2.10 -12.89 -11.18
C VAL A 259 1.67 -12.84 -9.73
N PHE A 260 2.44 -13.47 -8.87
CA PHE A 260 2.04 -13.60 -7.44
C PHE A 260 3.24 -14.01 -6.60
N CYS A 261 3.06 -14.00 -5.29
CA CYS A 261 4.08 -14.38 -4.35
C CYS A 261 3.63 -15.70 -3.68
N ASP A 262 4.32 -16.78 -4.00
CA ASP A 262 4.03 -18.09 -3.42
C ASP A 262 4.48 -18.20 -1.95
N VAL A 263 3.55 -18.03 -1.01
CA VAL A 263 3.88 -18.10 0.43
C VAL A 263 3.38 -19.39 1.07
N SER A 264 3.12 -20.40 0.23
CA SER A 264 2.60 -21.71 0.71
C SER A 264 3.51 -22.36 1.76
N MET A 265 4.81 -22.14 1.65
CA MET A 265 5.75 -22.74 2.63
C MET A 265 6.30 -21.73 3.64
N ASP A 266 5.71 -20.53 3.71
CA ASP A 266 6.23 -19.50 4.62
C ASP A 266 6.00 -19.88 6.08
N GLU A 267 7.09 -19.85 6.84
CA GLU A 267 7.13 -20.34 8.22
C GLU A 267 6.63 -19.39 9.29
N ASP A 268 6.48 -18.11 8.98
CA ASP A 268 6.00 -17.19 10.01
C ASP A 268 4.91 -16.24 9.62
N LEU A 269 4.62 -16.11 8.34
CA LEU A 269 3.50 -15.22 7.91
C LEU A 269 2.16 -15.57 8.60
N PHE A 270 1.96 -16.84 8.89
CA PHE A 270 0.69 -17.34 9.43
C PHE A 270 0.64 -17.53 10.93
N THR A 271 1.69 -17.11 11.64
CA THR A 271 1.76 -17.32 13.09
C THR A 271 1.78 -16.00 13.90
N GLY A 272 1.39 -14.89 13.31
CA GLY A 272 1.27 -13.64 14.08
C GLY A 272 0.12 -13.58 15.06
N ASP A 273 0.22 -12.63 16.00
CA ASP A 273 -0.77 -12.45 17.08
CA ASP A 273 -0.87 -12.40 16.97
C ASP A 273 -0.88 -10.97 17.48
N GLY A 274 -1.95 -10.62 18.19
CA GLY A 274 -2.09 -9.29 18.79
C GLY A 274 -2.79 -8.22 17.94
N ASP A 275 -3.24 -8.58 16.73
CA ASP A 275 -3.96 -7.65 15.87
C ASP A 275 -4.75 -8.55 14.89
N TYR A 276 -5.99 -8.18 14.58
CA TYR A 276 -6.77 -8.90 13.62
C TYR A 276 -6.01 -9.05 12.29
N GLN A 277 -5.17 -8.08 11.97
CA GLN A 277 -4.31 -8.20 10.80
C GLN A 277 -3.75 -9.60 10.63
N PHE A 278 -3.24 -10.19 11.73
CA PHE A 278 -2.54 -11.47 11.62
C PHE A 278 -3.49 -12.64 11.40
N ASP A 279 -4.78 -12.48 11.76
CA ASP A 279 -5.78 -13.46 11.41
C ASP A 279 -6.06 -13.46 9.92
N ILE A 280 -5.98 -12.29 9.29
CA ILE A 280 -6.34 -12.18 7.87
C ILE A 280 -5.40 -13.09 7.07
N TYR A 281 -4.10 -13.16 7.41
CA TYR A 281 -3.23 -14.05 6.64
C TYR A 281 -3.74 -15.50 6.73
N ARG A 282 -4.13 -15.92 7.94
CA ARG A 282 -4.68 -17.23 8.12
C ARG A 282 -6.00 -17.47 7.41
N LEU A 283 -6.89 -16.49 7.44
CA LEU A 283 -8.17 -16.58 6.78
C LEU A 283 -8.01 -16.60 5.24
N MET A 284 -7.00 -15.92 4.71
CA MET A 284 -6.67 -16.04 3.27
C MET A 284 -6.26 -17.44 2.93
N LYS A 285 -5.39 -18.02 3.75
CA LYS A 285 -4.88 -19.37 3.53
C LYS A 285 -6.04 -20.40 3.58
N LYS A 286 -7.00 -20.17 4.48
CA LYS A 286 -8.21 -20.99 4.55
C LYS A 286 -9.05 -20.90 3.24
N GLU A 287 -9.31 -19.69 2.80
CA GLU A 287 -10.09 -19.42 1.59
C GLU A 287 -9.46 -20.03 0.34
N ASN A 288 -8.12 -19.94 0.22
CA ASN A 288 -7.45 -20.42 -1.01
C ASN A 288 -6.85 -21.82 -0.90
N ASN A 289 -7.06 -22.50 0.24
CA ASN A 289 -6.50 -23.84 0.44
C ASN A 289 -4.98 -23.89 0.24
N ASN A 290 -4.32 -22.79 0.59
CA ASN A 290 -2.90 -22.60 0.46
C ASN A 290 -2.37 -22.66 -0.97
N ARG A 291 -3.22 -22.28 -1.94
CA ARG A 291 -2.85 -22.22 -3.36
C ARG A 291 -2.91 -20.77 -3.83
N TRP A 292 -1.75 -20.13 -3.77
CA TRP A 292 -1.66 -18.67 -3.92
C TRP A 292 -1.71 -18.21 -5.37
N GLY A 293 -1.55 -19.12 -6.34
CA GLY A 293 -1.69 -18.72 -7.75
C GLY A 293 -3.14 -18.55 -8.16
N GLU A 294 -4.07 -19.18 -7.44
CA GLU A 294 -5.49 -19.09 -7.78
C GLU A 294 -6.05 -17.68 -7.54
N TYR A 295 -7.19 -17.37 -8.15
CA TYR A 295 -7.85 -16.12 -7.92
C TYR A 295 -8.99 -16.30 -6.88
N HIS A 296 -8.87 -15.60 -5.75
CA HIS A 296 -9.88 -15.62 -4.67
C HIS A 296 -10.10 -14.17 -4.24
N PRO A 297 -10.95 -13.44 -4.97
CA PRO A 297 -11.09 -12.04 -4.65
C PRO A 297 -11.78 -11.81 -3.28
N TYR A 298 -12.25 -12.88 -2.64
CA TYR A 298 -12.68 -12.76 -1.27
C TYR A 298 -11.59 -12.24 -0.36
N SER A 299 -10.31 -12.43 -0.71
CA SER A 299 -9.26 -11.85 0.15
C SER A 299 -9.38 -10.35 0.23
N ASN A 300 -9.82 -9.69 -0.85
CA ASN A 300 -10.03 -8.25 -0.81
C ASN A 300 -11.12 -7.85 0.18
N VAL A 301 -12.16 -8.65 0.24
CA VAL A 301 -13.24 -8.46 1.25
C VAL A 301 -12.67 -8.61 2.66
N LEU A 302 -11.85 -9.63 2.87
CA LEU A 302 -11.24 -9.84 4.20
C LEU A 302 -10.46 -8.60 4.63
N TRP A 303 -9.64 -8.06 3.72
CA TRP A 303 -8.90 -6.86 4.06
C TRP A 303 -9.74 -5.67 4.29
N LEU A 304 -10.78 -5.48 3.50
CA LEU A 304 -11.70 -4.39 3.72
C LEU A 304 -12.45 -4.50 5.06
N HIS A 305 -12.69 -5.72 5.51
CA HIS A 305 -13.32 -5.95 6.81
C HIS A 305 -12.34 -5.57 7.93
N TYR A 306 -11.09 -5.97 7.77
CA TYR A 306 -10.04 -5.53 8.70
C TYR A 306 -9.92 -3.98 8.80
N LEU A 307 -9.99 -3.29 7.66
CA LEU A 307 -9.96 -1.82 7.61
C LEU A 307 -11.15 -1.19 8.25
N THR A 308 -12.33 -1.77 8.03
CA THR A 308 -13.54 -1.27 8.66
C THR A 308 -13.48 -1.43 10.16
N ASP A 309 -12.97 -2.58 10.58
CA ASP A 309 -12.75 -2.86 11.99
C ASP A 309 -11.78 -1.81 12.64
N LYS A 310 -10.70 -1.45 11.93
CA LYS A 310 -9.82 -0.39 12.40
C LYS A 310 -10.57 0.94 12.53
N MET A 311 -11.40 1.26 11.54
CA MET A 311 -12.16 2.53 11.60
C MET A 311 -13.06 2.59 12.82
N LEU A 312 -13.67 1.46 13.16
CA LEU A 312 -14.63 1.46 14.25
C LEU A 312 -14.01 1.31 15.63
N LYS A 313 -12.80 0.75 15.71
CA LYS A 313 -12.21 0.35 16.94
C LYS A 313 -10.91 1.02 17.36
N GLN A 314 -10.08 1.39 16.41
CA GLN A 314 -8.76 1.97 16.70
CA GLN A 314 -8.78 1.97 16.74
C GLN A 314 -8.63 3.41 16.28
N MET A 315 -9.35 3.83 15.26
CA MET A 315 -9.32 5.27 14.89
C MET A 315 -10.04 6.08 15.94
N THR A 316 -9.53 7.29 16.19
CA THR A 316 -10.20 8.15 17.11
C THR A 316 -10.29 9.52 16.45
N PHE A 317 -11.50 10.03 16.38
CA PHE A 317 -11.82 11.15 15.54
C PHE A 317 -11.88 12.46 16.30
N LYS A 318 -11.55 13.54 15.59
CA LYS A 318 -11.49 14.89 16.19
C LYS A 318 -12.85 15.36 16.63
N THR A 319 -13.85 15.03 15.81
CA THR A 319 -15.28 15.21 16.10
C THR A 319 -16.03 13.86 16.16
N LYS A 320 -16.71 13.60 17.26
CA LYS A 320 -17.39 12.31 17.44
C LYS A 320 -18.74 12.47 16.76
N CYS A 321 -19.57 11.44 16.85
CA CYS A 321 -20.91 11.44 16.28
C CYS A 321 -21.86 12.07 17.28
N ASN A 322 -21.86 13.39 17.30
CA ASN A 322 -22.69 14.11 18.24
C ASN A 322 -24.11 14.37 17.73
N THR A 323 -24.29 14.45 16.43
CA THR A 323 -25.62 14.76 15.86
C THR A 323 -26.31 13.47 15.42
N PRO A 324 -27.68 13.47 15.33
CA PRO A 324 -28.36 12.26 14.79
C PRO A 324 -27.86 11.84 13.42
N ALA A 325 -27.56 12.79 12.54
CA ALA A 325 -27.03 12.46 11.22
C ALA A 325 -25.68 11.71 11.28
N MET A 326 -24.81 12.14 12.20
CA MET A 326 -23.52 11.47 12.39
C MET A 326 -23.71 10.10 13.06
N LYS A 327 -24.63 9.98 14.02
CA LYS A 327 -24.93 8.67 14.60
C LYS A 327 -25.43 7.68 13.51
N GLN A 328 -26.10 8.21 12.48
CA GLN A 328 -26.56 7.38 11.35
C GLN A 328 -25.43 6.84 10.49
N ILE A 329 -24.44 7.68 10.16
CA ILE A 329 -23.27 7.24 9.43
C ILE A 329 -22.59 6.14 10.21
N LYS A 330 -22.48 6.32 11.53
CA LYS A 330 -21.85 5.32 12.41
C LYS A 330 -22.60 4.01 12.31
N ARG A 331 -23.94 4.08 12.35
CA ARG A 331 -24.75 2.87 12.22
C ARG A 331 -24.58 2.20 10.85
N LYS A 332 -24.48 2.99 9.80
CA LYS A 332 -24.25 2.41 8.48
C LYS A 332 -22.88 1.72 8.36
N ILE A 333 -21.85 2.30 8.97
CA ILE A 333 -20.55 1.67 8.93
C ILE A 333 -20.56 0.41 9.82
N GLN A 334 -21.25 0.47 10.94
CA GLN A 334 -21.41 -0.73 11.81
C GLN A 334 -22.13 -1.85 11.05
N GLU A 335 -23.16 -1.48 10.30
CA GLU A 335 -23.89 -2.44 9.47
C GLU A 335 -23.02 -3.03 8.37
N PHE A 336 -22.18 -2.20 7.72
CA PHE A 336 -21.19 -2.68 6.78
C PHE A 336 -20.26 -3.73 7.40
N HIS A 337 -19.75 -3.43 8.56
CA HIS A 337 -18.85 -4.32 9.28
C HIS A 337 -19.47 -5.69 9.53
N ARG A 338 -20.73 -5.72 9.89
CA ARG A 338 -21.34 -7.00 10.28
C ARG A 338 -21.92 -7.76 9.11
N THR A 339 -21.97 -7.14 7.92
CA THR A 339 -22.53 -7.80 6.72
C THR A 339 -21.55 -8.07 5.59
N MET A 340 -20.45 -7.32 5.54
CA MET A 340 -19.61 -7.33 4.35
C MET A 340 -18.96 -8.70 4.07
N LEU A 341 -18.71 -9.50 5.12
CA LEU A 341 -18.05 -10.80 4.89
C LEU A 341 -18.94 -11.81 4.12
N ASN A 342 -20.23 -11.47 3.93
CA ASN A 342 -21.13 -12.26 3.09
C ASN A 342 -21.17 -11.83 1.66
N PHE A 343 -20.20 -11.03 1.24
CA PHE A 343 -20.02 -10.66 -0.17
C PHE A 343 -18.78 -11.34 -0.74
N SER A 344 -18.79 -11.59 -2.04
CA SER A 344 -17.78 -12.48 -2.64
CA SER A 344 -17.78 -12.47 -2.68
C SER A 344 -16.52 -11.77 -3.15
N SER A 345 -16.56 -10.45 -3.30
CA SER A 345 -15.44 -9.70 -3.87
C SER A 345 -15.64 -8.23 -3.57
N ALA A 346 -14.62 -7.40 -3.79
CA ALA A 346 -14.80 -5.94 -3.75
C ALA A 346 -15.82 -5.47 -4.81
N THR A 347 -15.82 -6.13 -5.97
CA THR A 347 -16.79 -5.77 -7.00
C THR A 347 -18.27 -6.00 -6.50
N ASP A 348 -18.52 -7.17 -5.87
CA ASP A 348 -19.82 -7.47 -5.25
C ASP A 348 -20.20 -6.41 -4.20
N LEU A 349 -19.24 -6.08 -3.36
CA LEU A 349 -19.46 -5.07 -2.34
C LEU A 349 -19.81 -3.75 -2.96
N LEU A 350 -19.02 -3.28 -3.91
CA LEU A 350 -19.25 -1.95 -4.49
C LEU A 350 -20.63 -1.90 -5.18
N CYS A 351 -20.96 -2.94 -5.93
CA CYS A 351 -22.17 -2.95 -6.76
C CYS A 351 -23.42 -3.26 -6.00
N GLN A 352 -23.32 -4.03 -4.90
CA GLN A 352 -24.53 -4.55 -4.24
CA GLN A 352 -24.53 -4.54 -4.22
C GLN A 352 -24.73 -4.05 -2.80
N HIS A 353 -23.67 -3.61 -2.13
CA HIS A 353 -23.82 -3.20 -0.72
C HIS A 353 -24.54 -1.87 -0.53
N SER A 354 -25.53 -1.85 0.39
CA SER A 354 -26.29 -0.66 0.69
C SER A 354 -25.46 0.56 1.08
N LEU A 355 -24.28 0.37 1.65
CA LEU A 355 -23.42 1.51 2.07
C LEU A 355 -23.11 2.45 0.89
N PHE A 356 -22.99 1.87 -0.30
CA PHE A 356 -22.57 2.62 -1.47
C PHE A 356 -23.70 3.02 -2.40
N LYS A 357 -24.94 3.04 -1.90
CA LYS A 357 -26.06 3.54 -2.68
C LYS A 357 -26.32 5.00 -2.35
N ALA B 1 0.82 -3.37 11.47
CA ALA B 1 2.26 -3.67 11.57
C ALA B 1 2.75 -4.22 10.22
N ARG B 2 4.06 -4.30 10.03
CA ARG B 2 4.58 -5.00 8.86
C ARG B 2 4.26 -6.48 9.00
N LYS B 3 4.01 -7.15 7.87
CA LYS B 3 3.63 -8.56 7.89
C LYS B 3 4.75 -9.45 8.43
N LYS B 4 6.00 -9.01 8.23
CA LYS B 4 7.18 -9.63 8.80
C LYS B 4 8.08 -8.53 9.34
N GLN B 5 8.79 -8.82 10.44
CA GLN B 5 9.51 -7.80 11.18
C GLN B 5 10.99 -8.17 11.36
N THR B 6 11.85 -7.16 11.56
CA THR B 6 13.13 -7.36 12.20
C THR B 6 13.01 -7.33 13.72
N ALA B 7 13.43 -8.42 14.37
CA ALA B 7 12.55 -9.56 14.58
C ALA B 7 13.33 -10.77 15.08
N NH2 B 8 13.80 -11.60 14.15
C1 MRD C . 1.62 -10.94 -16.66
C2 MRD C . 2.11 -9.59 -17.16
O2 MRD C . 1.64 -9.42 -18.50
CM MRD C . 1.53 -8.52 -16.25
C3 MRD C . 3.65 -9.59 -17.17
C4 MRD C . 4.26 -8.27 -17.68
O4 MRD C . 3.67 -7.87 -18.94
C5 MRD C . 5.78 -8.38 -17.84
NA NA D . -2.82 7.12 -8.08
S DMS E . -20.27 0.59 -10.62
O DMS E . -21.06 -0.29 -11.53
C1 DMS E . -20.17 2.13 -11.34
C2 DMS E . -21.07 0.81 -9.11
N1 6L5 F . 4.47 7.48 1.88
C2 6L5 F . 4.41 6.71 -0.85
N3 6L5 F . 5.32 5.24 2.21
C4 6L5 F . 5.59 4.22 1.33
C5 6L5 F . 5.54 5.26 3.67
C6 6L5 F . 4.28 4.97 4.51
C8 6L5 F . 5.86 3.22 4.78
C11 6L5 F . 8.57 -0.33 3.73
C12 6L5 F . 8.82 -1.73 3.22
C14 6L5 F . 10.37 -3.26 1.92
C15 6L5 F . 10.03 -4.43 2.82
C16 6L5 F . 8.46 -6.25 3.27
C17 6L5 F . 7.24 -6.84 2.56
C18 6L5 F . 6.84 -8.23 2.96
C7 6L5 F . 4.35 3.45 4.59
N2 6L5 F . 4.30 6.39 -2.14
C9 6L5 F . 6.28 1.87 4.22
C10 6L5 F . 7.35 -0.27 4.64
C13 6L5 F . 10.23 -1.93 2.66
N4 6L5 F . 5.31 4.52 0.08
O13 6L5 F . 10.76 -4.75 3.75
N5 6L5 F . 6.99 1.08 5.03
O1 6L5 F . 6.01 1.56 3.07
O 6L5 F . 6.50 4.27 4.03
O14 6L5 F . 3.57 2.90 5.66
O15 6L5 F . 4.40 5.57 5.79
C1 6L5 F . 4.84 5.82 0.15
C 6L5 F . 4.85 6.28 1.45
C3 6L5 F . 4.08 8.24 0.84
N 6L5 F . 4.04 7.95 -0.46
N6 6L5 F . 8.88 -5.05 2.56
C52 6L5 F . 8.17 -5.94 4.74
N21 6L5 F . 8.59 -6.84 5.63
O12 6L5 F . 7.60 -4.90 5.04
O11 6L5 F . 7.66 -9.04 3.40
C1 MPD G . 8.80 -11.99 2.51
C2 MPD G . 8.13 -12.50 1.24
O2 MPD G . 8.52 -13.86 1.08
CM MPD G . 6.61 -12.50 1.36
C3 MPD G . 8.50 -11.64 0.03
C4 MPD G . 9.74 -12.01 -0.77
O4 MPD G . 9.54 -13.13 -1.65
C5 MPD G . 10.10 -10.83 -1.69
#